data_5ITA
#
_entry.id   5ITA
#
_cell.length_a   52.105
_cell.length_b   103.817
_cell.length_c   110.567
_cell.angle_alpha   90.00
_cell.angle_beta   90.00
_cell.angle_gamma   90.00
#
_symmetry.space_group_name_H-M   'P 21 21 21'
#
loop_
_entity.id
_entity.type
_entity.pdbx_description
1 polymer 'Serine/threonine-protein kinase B-raf'
2 non-polymer N-{2-cyano-3-[(3-methyl-4-oxo-3,4-dihydroquinazolin-6-yl)amino]phenyl}propane-1-sulfonamide
3 water water
#
_entity_poly.entity_id   1
_entity_poly.type   'polypeptide(L)'
_entity_poly.pdbx_seq_one_letter_code
;MGSSHHHHHHSSGLVPRGSHMDDWEIPDGQITVGQRIGSGSFGTVYKGKWHGDVAVKMLNVTAPTPQQLQAFKNEVGVLR
KTRHVNILLFMGYSTKPQLAIVTQWCEGSSLYHHLHASETKFEMKKLIDIARQTARGMDYLHAKSIIHRDLKSNNIFLHE
DNTVKIGDFGLATVKSRWSGSHQFEQLSGSILWMAPEVIRMQDSNPYSFQSDVYAFGIVLYELMTGQLPYSNINNRDQII
EMVGRGSLSPDLSKVRSNCPKRMKRLMAECLKKKRDERPSFPRILAEIEELARELSG
;
_entity_poly.pdbx_strand_id   A,B
#
loop_
_chem_comp.id
_chem_comp.type
_chem_comp.name
_chem_comp.formula
6DC non-polymer N-{2-cyano-3-[(3-methyl-4-oxo-3,4-dihydroquinazolin-6-yl)amino]phenyl}propane-1-sulfonamide 'C19 H19 N5 O3 S'
#
# COMPACT_ATOMS: atom_id res chain seq x y z
N ASP A 22 16.00 9.43 -10.31
CA ASP A 22 17.19 9.68 -9.50
C ASP A 22 16.77 9.97 -8.05
N ASP A 23 15.61 10.61 -7.88
CA ASP A 23 15.01 10.76 -6.56
C ASP A 23 14.62 9.42 -5.95
N TRP A 24 14.49 8.38 -6.77
CA TRP A 24 14.12 7.05 -6.32
C TRP A 24 15.30 6.07 -6.32
N GLU A 25 16.52 6.50 -6.66
CA GLU A 25 17.67 5.60 -6.57
C GLU A 25 18.08 5.44 -5.12
N ILE A 26 18.32 4.21 -4.69
CA ILE A 26 18.62 3.89 -3.30
C ILE A 26 20.13 3.63 -3.20
N PRO A 27 20.86 4.40 -2.41
CA PRO A 27 22.33 4.30 -2.44
C PRO A 27 22.85 2.92 -2.01
N ASP A 28 23.99 2.57 -2.59
CA ASP A 28 24.72 1.35 -2.25
C ASP A 28 24.89 1.19 -0.74
N GLY A 29 24.40 0.07 -0.22
CA GLY A 29 24.56 -0.25 1.19
C GLY A 29 23.33 -0.01 2.05
N GLN A 30 22.33 0.71 1.54
CA GLN A 30 21.16 0.98 2.36
C GLN A 30 20.27 -0.23 2.55
N ILE A 31 20.29 -1.18 1.61
CA ILE A 31 19.39 -2.34 1.63
C ILE A 31 20.15 -3.57 2.10
N THR A 32 19.62 -4.26 3.12
CA THR A 32 20.19 -5.54 3.57
C THR A 32 19.41 -6.64 2.87
N VAL A 33 20.08 -7.35 1.96
CA VAL A 33 19.41 -8.38 1.16
C VAL A 33 19.30 -9.65 2.00
N GLY A 34 18.11 -10.23 2.05
CA GLY A 34 17.93 -11.43 2.85
C GLY A 34 17.59 -12.67 2.03
N GLN A 35 16.54 -13.37 2.42
CA GLN A 35 16.22 -14.68 1.87
C GLN A 35 15.90 -14.58 0.39
N ARG A 36 16.51 -15.47 -0.41
CA ARG A 36 16.09 -15.60 -1.79
C ARG A 36 14.71 -16.23 -1.86
N ILE A 37 13.82 -15.62 -2.64
CA ILE A 37 12.45 -16.13 -2.79
C ILE A 37 12.32 -17.00 -4.03
N GLY A 38 12.74 -16.49 -5.18
CA GLY A 38 12.74 -17.26 -6.41
C GLY A 38 13.25 -16.41 -7.54
N SER A 39 13.40 -17.04 -8.70
CA SER A 39 13.84 -16.34 -9.90
C SER A 39 12.76 -16.43 -10.98
N GLY A 40 12.82 -15.49 -11.90
CA GLY A 40 11.85 -15.36 -12.96
C GLY A 40 11.73 -13.90 -13.37
N SER A 41 11.30 -13.69 -14.61
CA SER A 41 11.11 -12.36 -15.19
C SER A 41 12.43 -11.59 -15.26
N PHE A 42 13.45 -12.23 -15.85
CA PHE A 42 14.79 -11.71 -16.09
C PHE A 42 15.59 -11.50 -14.81
N GLY A 43 15.07 -11.88 -13.64
CA GLY A 43 15.78 -11.62 -12.41
C GLY A 43 15.48 -12.57 -11.28
N THR A 44 15.97 -12.24 -10.08
CA THR A 44 15.75 -13.04 -8.88
C THR A 44 15.23 -12.13 -7.78
N VAL A 45 14.15 -12.54 -7.11
CA VAL A 45 13.55 -11.75 -6.04
C VAL A 45 14.10 -12.22 -4.70
N TYR A 46 14.48 -11.27 -3.85
CA TYR A 46 14.90 -11.52 -2.48
C TYR A 46 14.04 -10.68 -1.54
N LYS A 47 13.82 -11.20 -0.34
CA LYS A 47 13.33 -10.32 0.73
C LYS A 47 14.50 -9.46 1.20
N GLY A 48 14.19 -8.22 1.61
CA GLY A 48 15.25 -7.36 2.11
C GLY A 48 14.74 -6.44 3.19
N LYS A 49 15.67 -5.68 3.79
CA LYS A 49 15.35 -4.66 4.78
C LYS A 49 15.76 -3.30 4.26
N TRP A 50 14.81 -2.35 4.32
CA TRP A 50 15.06 -0.95 3.99
C TRP A 50 13.87 -0.19 4.58
N HIS A 51 14.10 0.49 5.72
CA HIS A 51 13.02 1.14 6.46
C HIS A 51 11.82 0.20 6.67
N GLY A 52 12.10 -1.03 7.08
CA GLY A 52 11.11 -2.08 7.11
C GLY A 52 11.43 -3.17 6.08
N ASP A 53 10.39 -3.90 5.66
CA ASP A 53 10.56 -5.01 4.72
C ASP A 53 10.44 -4.50 3.30
N VAL A 54 11.23 -5.08 2.39
CA VAL A 54 11.10 -4.78 0.96
C VAL A 54 11.31 -6.08 0.18
N ALA A 55 10.89 -6.07 -1.07
CA ALA A 55 11.31 -7.08 -2.02
C ALA A 55 12.31 -6.45 -2.96
N VAL A 56 13.34 -7.21 -3.33
CA VAL A 56 14.39 -6.69 -4.20
C VAL A 56 14.55 -7.67 -5.36
N LYS A 57 14.26 -7.19 -6.56
CA LYS A 57 14.38 -7.99 -7.78
C LYS A 57 15.69 -7.62 -8.45
N MET A 58 16.67 -8.51 -8.38
CA MET A 58 17.96 -8.26 -8.99
C MET A 58 17.94 -8.63 -10.47
N LEU A 59 18.40 -7.74 -11.31
CA LEU A 59 18.43 -8.00 -12.72
C LEU A 59 19.71 -8.77 -13.05
N ASN A 60 19.70 -9.48 -14.16
CA ASN A 60 20.85 -10.38 -14.34
C ASN A 60 22.04 -9.68 -14.98
N VAL A 61 22.16 -8.38 -14.75
CA VAL A 61 23.24 -7.63 -15.32
C VAL A 61 24.25 -7.18 -14.32
N THR A 62 25.37 -6.71 -14.83
CA THR A 62 26.51 -6.29 -14.04
C THR A 62 27.06 -4.90 -14.30
N ALA A 63 27.74 -4.75 -15.42
CA ALA A 63 28.30 -3.48 -15.79
C ALA A 63 27.42 -3.18 -16.92
N PRO A 64 26.28 -2.50 -16.57
CA PRO A 64 25.36 -2.27 -17.68
C PRO A 64 25.87 -1.39 -18.79
N THR A 65 25.64 -1.85 -20.00
CA THR A 65 25.99 -1.10 -21.16
C THR A 65 24.97 0.01 -21.14
N PRO A 66 25.28 1.12 -21.71
CA PRO A 66 24.31 2.22 -21.64
C PRO A 66 23.00 1.90 -22.35
N GLN A 67 23.03 1.03 -23.37
CA GLN A 67 21.79 0.53 -23.96
C GLN A 67 20.95 -0.19 -22.91
N GLN A 68 21.59 -1.02 -22.07
CA GLN A 68 20.87 -1.67 -20.98
C GLN A 68 20.42 -0.66 -19.94
N LEU A 69 21.32 0.27 -19.59
CA LEU A 69 21.02 1.31 -18.61
C LEU A 69 19.85 2.18 -19.05
N GLN A 70 19.66 2.36 -20.37
CA GLN A 70 18.53 3.13 -20.85
C GLN A 70 17.24 2.33 -20.75
N ALA A 71 17.24 1.09 -21.24
CA ALA A 71 16.10 0.20 -21.05
C ALA A 71 15.71 0.10 -19.57
N PHE A 72 16.69 0.14 -18.68
CA PHE A 72 16.40 0.07 -17.24
C PHE A 72 15.70 1.34 -16.76
N LYS A 73 16.20 2.50 -17.16
CA LYS A 73 15.56 3.75 -16.76
C LYS A 73 14.16 3.87 -17.36
N ASN A 74 13.97 3.36 -18.58
CA ASN A 74 12.62 3.36 -19.17
C ASN A 74 11.68 2.48 -18.36
N GLU A 75 12.15 1.31 -17.92
CA GLU A 75 11.32 0.46 -17.08
C GLU A 75 10.96 1.14 -15.78
N VAL A 76 11.92 1.82 -15.15
CA VAL A 76 11.61 2.53 -13.92
C VAL A 76 10.60 3.64 -14.20
N GLY A 77 10.72 4.30 -15.35
CA GLY A 77 9.76 5.32 -15.73
C GLY A 77 8.34 4.80 -15.75
N VAL A 78 8.13 3.60 -16.28
CA VAL A 78 6.81 2.98 -16.28
C VAL A 78 6.32 2.77 -14.85
N LEU A 79 7.15 2.11 -14.01
CA LEU A 79 6.73 1.78 -12.66
C LEU A 79 6.40 3.01 -11.84
N ARG A 80 7.11 4.11 -12.09
CA ARG A 80 6.87 5.37 -11.35
C ARG A 80 5.51 5.98 -11.65
N LYS A 81 4.88 5.58 -12.76
CA LYS A 81 3.54 6.05 -13.11
C LYS A 81 2.45 5.43 -12.26
N THR A 82 2.76 4.47 -11.38
CA THR A 82 1.72 3.70 -10.72
C THR A 82 1.65 4.02 -9.23
N ARG A 83 0.45 4.41 -8.78
CA ARG A 83 0.13 4.62 -7.37
C ARG A 83 -1.30 4.14 -7.22
N HIS A 84 -1.47 2.91 -6.77
CA HIS A 84 -2.83 2.37 -6.64
C HIS A 84 -2.72 1.24 -5.63
N VAL A 85 -3.78 1.06 -4.84
CA VAL A 85 -3.70 0.09 -3.75
C VAL A 85 -3.58 -1.34 -4.26
N ASN A 86 -3.99 -1.63 -5.50
CA ASN A 86 -3.93 -2.99 -6.01
C ASN A 86 -2.77 -3.21 -6.98
N ILE A 87 -1.85 -2.25 -7.06
CA ILE A 87 -0.63 -2.41 -7.83
C ILE A 87 0.54 -2.54 -6.84
N LEU A 88 1.34 -3.59 -7.00
CA LEU A 88 2.53 -3.74 -6.15
C LEU A 88 3.29 -2.42 -6.10
N LEU A 89 3.61 -1.97 -4.88
CA LEU A 89 4.11 -0.60 -4.70
C LEU A 89 5.58 -0.55 -5.10
N PHE A 90 5.89 0.16 -6.19
CA PHE A 90 7.27 0.47 -6.52
C PHE A 90 7.83 1.38 -5.45
N MET A 91 9.05 1.10 -4.96
CA MET A 91 9.63 1.94 -3.91
C MET A 91 10.98 2.54 -4.26
N GLY A 92 11.70 2.00 -5.24
CA GLY A 92 12.97 2.56 -5.61
C GLY A 92 13.73 1.60 -6.52
N TYR A 93 14.95 1.99 -6.84
CA TYR A 93 15.79 1.13 -7.65
C TYR A 93 17.24 1.31 -7.21
N SER A 94 18.08 0.36 -7.57
CA SER A 94 19.49 0.53 -7.33
C SER A 94 20.25 0.29 -8.63
N THR A 95 21.42 0.92 -8.73
CA THR A 95 22.41 0.60 -9.75
C THR A 95 23.67 -0.01 -9.17
N LYS A 96 23.92 0.23 -7.90
CA LYS A 96 25.04 -0.36 -7.21
C LYS A 96 24.52 -0.98 -5.94
N PRO A 97 24.96 -2.18 -5.60
CA PRO A 97 26.02 -2.94 -6.27
C PRO A 97 25.61 -3.63 -7.56
N GLN A 98 24.31 -3.60 -7.87
CA GLN A 98 23.73 -4.32 -8.99
C GLN A 98 22.44 -3.60 -9.38
N LEU A 99 22.03 -3.76 -10.65
CA LEU A 99 20.71 -3.23 -11.04
C LEU A 99 19.62 -3.99 -10.29
N ALA A 100 18.68 -3.26 -9.69
CA ALA A 100 17.58 -3.94 -9.01
C ALA A 100 16.38 -3.01 -8.92
N ILE A 101 15.19 -3.63 -8.84
CA ILE A 101 13.93 -2.94 -8.59
C ILE A 101 13.49 -3.28 -7.17
N VAL A 102 13.08 -2.27 -6.41
CA VAL A 102 12.70 -2.44 -5.02
C VAL A 102 11.23 -2.11 -4.89
N THR A 103 10.48 -2.99 -4.25
CA THR A 103 9.06 -2.75 -4.02
C THR A 103 8.75 -3.07 -2.57
N GLN A 104 7.52 -2.75 -2.17
CA GLN A 104 7.03 -3.27 -0.90
C GLN A 104 7.17 -4.79 -0.82
N TRP A 105 7.24 -5.29 0.40
CA TRP A 105 7.04 -6.70 0.68
C TRP A 105 5.56 -6.96 0.87
N CYS A 106 5.07 -8.06 0.31
CA CYS A 106 3.67 -8.44 0.50
C CYS A 106 3.61 -9.51 1.59
N GLU A 107 3.01 -9.15 2.73
CA GLU A 107 2.86 -10.14 3.79
C GLU A 107 1.94 -11.24 3.35
N GLY A 108 2.49 -12.44 3.17
CA GLY A 108 1.66 -13.56 2.80
C GLY A 108 2.24 -14.23 1.57
N SER A 109 1.36 -14.71 0.70
CA SER A 109 1.82 -15.50 -0.43
C SER A 109 1.09 -15.03 -1.69
N SER A 110 1.52 -15.57 -2.82
CA SER A 110 0.88 -15.26 -4.08
C SER A 110 -0.50 -15.91 -4.15
N LEU A 111 -1.34 -15.37 -5.03
CA LEU A 111 -2.61 -15.99 -5.32
C LEU A 111 -2.44 -17.41 -5.82
N TYR A 112 -1.40 -17.65 -6.64
CA TYR A 112 -1.14 -18.99 -7.16
C TYR A 112 -0.96 -19.99 -6.02
N HIS A 113 -0.14 -19.64 -5.03
CA HIS A 113 0.05 -20.50 -3.87
C HIS A 113 -1.27 -20.76 -3.15
N HIS A 114 -2.07 -19.71 -2.93
CA HIS A 114 -3.36 -19.87 -2.27
C HIS A 114 -4.28 -20.82 -3.04
N LEU A 115 -4.34 -20.69 -4.36
CA LEU A 115 -5.32 -21.46 -5.12
C LEU A 115 -4.84 -22.87 -5.43
N HIS A 116 -3.53 -23.06 -5.64
CA HIS A 116 -3.03 -24.31 -6.20
C HIS A 116 -2.09 -25.07 -5.29
N ALA A 117 -1.65 -24.50 -4.18
CA ALA A 117 -0.85 -25.24 -3.22
C ALA A 117 -1.54 -25.32 -1.87
N SER A 118 -1.79 -24.17 -1.23
CA SER A 118 -2.42 -24.16 0.09
C SER A 118 -3.76 -24.88 0.10
N GLU A 119 -4.53 -24.74 -1.00
CA GLU A 119 -5.92 -25.17 -1.03
C GLU A 119 -6.71 -24.51 0.11
N THR A 120 -6.54 -23.20 0.23
CA THR A 120 -7.29 -22.43 1.21
C THR A 120 -8.77 -22.49 0.90
N LYS A 121 -9.58 -22.57 1.97
CA LYS A 121 -11.03 -22.50 1.83
C LYS A 121 -11.41 -21.02 1.79
N PHE A 122 -11.31 -20.45 0.59
CA PHE A 122 -11.82 -19.10 0.36
C PHE A 122 -13.33 -19.16 0.22
N GLU A 123 -14.05 -18.41 1.06
CA GLU A 123 -15.47 -18.21 0.81
C GLU A 123 -15.65 -17.61 -0.58
N MET A 124 -16.77 -17.96 -1.21
CA MET A 124 -17.08 -17.38 -2.52
C MET A 124 -17.04 -15.86 -2.44
N LYS A 125 -17.52 -15.30 -1.31
CA LYS A 125 -17.45 -13.87 -1.07
C LYS A 125 -16.05 -13.32 -1.28
N LYS A 126 -15.05 -13.99 -0.68
CA LYS A 126 -13.66 -13.54 -0.79
C LYS A 126 -13.12 -13.75 -2.21
N LEU A 127 -13.56 -14.82 -2.89
CA LEU A 127 -13.14 -15.06 -4.26
C LEU A 127 -13.52 -13.89 -5.17
N ILE A 128 -14.78 -13.47 -5.10
CA ILE A 128 -15.26 -12.36 -5.91
C ILE A 128 -14.54 -11.07 -5.54
N ASP A 129 -14.28 -10.87 -4.25
CA ASP A 129 -13.53 -9.68 -3.85
C ASP A 129 -12.13 -9.67 -4.45
N ILE A 130 -11.47 -10.83 -4.47
CA ILE A 130 -10.15 -10.92 -5.08
C ILE A 130 -10.25 -10.60 -6.56
N ALA A 131 -11.31 -11.10 -7.22
CA ALA A 131 -11.55 -10.79 -8.61
C ALA A 131 -11.80 -9.30 -8.80
N ARG A 132 -12.58 -8.68 -7.89
CA ARG A 132 -12.86 -7.26 -7.98
C ARG A 132 -11.59 -6.41 -7.84
N GLN A 133 -10.76 -6.72 -6.83
CA GLN A 133 -9.54 -5.96 -6.64
C GLN A 133 -8.56 -6.15 -7.81
N THR A 134 -8.51 -7.34 -8.38
CA THR A 134 -7.64 -7.53 -9.53
C THR A 134 -8.09 -6.65 -10.69
N ALA A 135 -9.40 -6.61 -10.96
CA ALA A 135 -9.91 -5.80 -12.05
C ALA A 135 -9.67 -4.31 -11.80
N ARG A 136 -9.77 -3.88 -10.55
CA ARG A 136 -9.45 -2.48 -10.24
C ARG A 136 -8.01 -2.14 -10.63
N GLY A 137 -7.07 -3.00 -10.23
CA GLY A 137 -5.67 -2.78 -10.58
C GLY A 137 -5.44 -2.76 -12.08
N MET A 138 -6.06 -3.69 -12.80
CA MET A 138 -5.86 -3.73 -14.25
C MET A 138 -6.51 -2.51 -14.91
N ASP A 139 -7.72 -2.16 -14.46
CA ASP A 139 -8.38 -0.95 -14.95
C ASP A 139 -7.47 0.24 -14.77
N TYR A 140 -6.85 0.35 -13.60
CA TYR A 140 -5.92 1.44 -13.32
C TYR A 140 -4.73 1.41 -14.27
N LEU A 141 -4.11 0.23 -14.45
CA LEU A 141 -2.99 0.13 -15.38
C LEU A 141 -3.38 0.57 -16.77
N HIS A 142 -4.55 0.14 -17.26
CA HIS A 142 -4.99 0.54 -18.59
C HIS A 142 -5.28 2.05 -18.65
N ALA A 143 -5.76 2.64 -17.55
CA ALA A 143 -5.96 4.10 -17.55
C ALA A 143 -4.63 4.85 -17.63
N LYS A 144 -3.54 4.28 -17.11
CA LYS A 144 -2.20 4.84 -17.24
C LYS A 144 -1.49 4.41 -18.53
N SER A 145 -2.22 3.82 -19.47
CA SER A 145 -1.68 3.39 -20.77
C SER A 145 -0.60 2.32 -20.60
N ILE A 146 -0.77 1.42 -19.62
CA ILE A 146 0.14 0.30 -19.41
C ILE A 146 -0.60 -1.00 -19.76
N ILE A 147 -0.07 -1.70 -20.76
CA ILE A 147 -0.47 -3.08 -21.04
C ILE A 147 0.40 -3.99 -20.15
N HIS A 148 -0.24 -4.81 -19.32
CA HIS A 148 0.54 -5.64 -18.41
C HIS A 148 1.43 -6.61 -19.19
N ARG A 149 0.90 -7.37 -20.08
CA ARG A 149 1.41 -8.39 -21.00
C ARG A 149 1.70 -9.76 -20.38
N ASP A 150 1.64 -9.88 -19.02
CA ASP A 150 1.95 -11.19 -18.44
C ASP A 150 1.19 -11.43 -17.14
N LEU A 151 -0.07 -11.01 -17.10
CA LEU A 151 -0.85 -11.19 -15.88
C LEU A 151 -1.05 -12.68 -15.60
N LYS A 152 -0.76 -13.08 -14.37
CA LYS A 152 -0.93 -14.47 -13.98
C LYS A 152 -0.93 -14.52 -12.46
N SER A 153 -1.56 -15.56 -11.90
CA SER A 153 -1.76 -15.60 -10.45
C SER A 153 -0.45 -15.72 -9.69
N ASN A 154 0.66 -16.14 -10.35
CA ASN A 154 1.96 -16.21 -9.67
C ASN A 154 2.48 -14.83 -9.31
N ASN A 155 2.08 -13.80 -10.04
CA ASN A 155 2.56 -12.45 -9.78
C ASN A 155 1.42 -11.55 -9.37
N ILE A 156 0.44 -12.16 -8.69
CA ILE A 156 -0.60 -11.43 -7.95
C ILE A 156 -0.46 -11.84 -6.49
N PHE A 157 -0.21 -10.88 -5.61
CA PHE A 157 0.06 -11.20 -4.22
C PHE A 157 -1.11 -10.79 -3.34
N LEU A 158 -1.36 -11.57 -2.28
CA LEU A 158 -2.42 -11.25 -1.34
C LEU A 158 -1.74 -10.70 -0.09
N HIS A 159 -1.60 -9.39 -0.05
CA HIS A 159 -0.94 -8.72 1.08
C HIS A 159 -1.82 -8.81 2.32
N GLU A 160 -1.26 -9.35 3.40
CA GLU A 160 -1.98 -9.61 4.65
C GLU A 160 -3.28 -10.37 4.37
N ASP A 161 -3.25 -11.21 3.34
CA ASP A 161 -4.32 -12.09 2.91
C ASP A 161 -5.52 -11.34 2.34
N ASN A 162 -5.50 -10.00 2.29
CA ASN A 162 -6.72 -9.23 2.05
C ASN A 162 -6.66 -8.22 0.92
N THR A 163 -5.47 -7.77 0.50
CA THR A 163 -5.34 -6.76 -0.54
C THR A 163 -4.53 -7.33 -1.70
N VAL A 164 -5.15 -7.36 -2.89
CA VAL A 164 -4.45 -7.78 -4.11
C VAL A 164 -3.34 -6.80 -4.46
N LYS A 165 -2.15 -7.32 -4.80
CA LYS A 165 -1.08 -6.49 -5.37
C LYS A 165 -0.61 -7.13 -6.67
N ILE A 166 -0.77 -6.43 -7.78
CA ILE A 166 -0.36 -6.91 -9.10
C ILE A 166 1.07 -6.47 -9.36
N GLY A 167 1.96 -7.42 -9.65
CA GLY A 167 3.32 -7.06 -9.99
C GLY A 167 3.71 -7.54 -11.39
N ASP A 168 4.99 -7.37 -11.71
CA ASP A 168 5.62 -7.98 -12.90
C ASP A 168 5.10 -7.41 -14.22
N PHE A 169 5.02 -6.08 -14.29
CA PHE A 169 4.66 -5.41 -15.53
C PHE A 169 5.72 -4.41 -16.00
N GLY A 170 6.87 -4.34 -15.33
CA GLY A 170 8.00 -3.65 -15.95
C GLY A 170 8.43 -4.27 -17.28
N LEU A 171 9.49 -3.75 -17.90
CA LEU A 171 9.95 -4.22 -19.22
C LEU A 171 8.89 -4.08 -20.30
N SER A 190 3.42 -17.27 -18.33
CA SER A 190 3.55 -18.40 -19.25
C SER A 190 2.28 -18.62 -20.07
N ILE A 191 2.18 -19.79 -20.69
CA ILE A 191 1.25 -19.93 -21.82
C ILE A 191 -0.20 -20.09 -21.39
N LEU A 192 -0.47 -20.49 -20.13
CA LEU A 192 -1.85 -20.77 -19.74
C LEU A 192 -2.72 -19.52 -19.69
N TRP A 193 -2.11 -18.35 -19.52
CA TRP A 193 -2.83 -17.08 -19.50
C TRP A 193 -2.80 -16.36 -20.84
N MET A 194 -2.19 -16.95 -21.87
CA MET A 194 -2.00 -16.28 -23.15
C MET A 194 -3.23 -16.41 -24.04
N ALA A 195 -3.68 -15.28 -24.56
CA ALA A 195 -4.80 -15.27 -25.48
C ALA A 195 -4.39 -15.94 -26.79
N PRO A 196 -5.37 -16.52 -27.52
CA PRO A 196 -5.03 -17.16 -28.80
C PRO A 196 -4.15 -16.32 -29.71
N GLU A 197 -4.45 -15.03 -29.87
CA GLU A 197 -3.65 -14.19 -30.75
C GLU A 197 -2.21 -13.98 -30.24
N VAL A 198 -1.96 -14.10 -28.93
CA VAL A 198 -0.58 -13.98 -28.46
C VAL A 198 0.21 -15.26 -28.76
N ILE A 199 -0.38 -16.42 -28.49
CA ILE A 199 0.25 -17.69 -28.86
C ILE A 199 0.66 -17.71 -30.33
N ARG A 200 -0.24 -17.31 -31.22
CA ARG A 200 0.11 -17.31 -32.64
C ARG A 200 1.25 -16.34 -32.96
N MET A 201 1.62 -15.46 -32.03
CA MET A 201 2.66 -14.46 -32.22
C MET A 201 2.31 -13.53 -33.39
N ASN A 205 2.15 -7.27 -33.35
CA ASN A 205 2.13 -7.26 -31.88
C ASN A 205 0.76 -7.65 -31.34
N PRO A 206 0.67 -8.82 -30.71
CA PRO A 206 -0.61 -9.32 -30.21
C PRO A 206 -0.97 -8.85 -28.80
N TYR A 207 -0.07 -8.13 -28.13
CA TYR A 207 -0.31 -7.69 -26.77
C TYR A 207 -1.15 -6.42 -26.75
N SER A 208 -2.25 -6.45 -26.01
CA SER A 208 -3.21 -5.35 -26.04
C SER A 208 -4.01 -5.37 -24.74
N PHE A 209 -4.84 -4.34 -24.57
CA PHE A 209 -5.81 -4.37 -23.48
C PHE A 209 -6.62 -5.65 -23.51
N GLN A 210 -7.02 -6.09 -24.71
CA GLN A 210 -7.88 -7.27 -24.80
C GLN A 210 -7.13 -8.55 -24.46
N SER A 211 -5.84 -8.63 -24.76
CA SER A 211 -5.11 -9.81 -24.31
C SER A 211 -4.90 -9.79 -22.80
N ASP A 212 -4.75 -8.60 -22.20
CA ASP A 212 -4.84 -8.49 -20.74
C ASP A 212 -6.18 -9.01 -20.22
N VAL A 213 -7.27 -8.68 -20.90
CA VAL A 213 -8.58 -9.12 -20.44
C VAL A 213 -8.67 -10.64 -20.45
N TYR A 214 -8.15 -11.27 -21.51
CA TYR A 214 -8.16 -12.72 -21.56
C TYR A 214 -7.39 -13.31 -20.38
N ALA A 215 -6.20 -12.79 -20.10
CA ALA A 215 -5.43 -13.29 -18.96
C ALA A 215 -6.24 -13.15 -17.66
N PHE A 216 -6.94 -12.04 -17.48
CA PHE A 216 -7.80 -11.89 -16.31
C PHE A 216 -8.90 -12.95 -16.29
N GLY A 217 -9.46 -13.28 -17.45
CA GLY A 217 -10.44 -14.36 -17.50
C GLY A 217 -9.88 -15.70 -17.07
N ILE A 218 -8.61 -15.97 -17.37
CA ILE A 218 -7.98 -17.17 -16.86
C ILE A 218 -7.80 -17.08 -15.34
N VAL A 219 -7.43 -15.90 -14.82
CA VAL A 219 -7.36 -15.76 -13.36
C VAL A 219 -8.72 -16.03 -12.74
N LEU A 220 -9.78 -15.54 -13.39
CA LEU A 220 -11.15 -15.82 -12.93
C LEU A 220 -11.41 -17.32 -12.92
N TYR A 221 -10.99 -18.01 -13.97
CA TYR A 221 -11.13 -19.45 -14.03
C TYR A 221 -10.44 -20.12 -12.85
N GLU A 222 -9.24 -19.67 -12.51
CA GLU A 222 -8.55 -20.21 -11.34
C GLU A 222 -9.37 -20.00 -10.09
N LEU A 223 -9.88 -18.78 -9.90
CA LEU A 223 -10.63 -18.44 -8.69
C LEU A 223 -11.88 -19.30 -8.54
N MET A 224 -12.60 -19.54 -9.64
CA MET A 224 -13.91 -20.17 -9.58
C MET A 224 -13.86 -21.69 -9.72
N THR A 225 -12.75 -22.25 -10.20
CA THR A 225 -12.57 -23.69 -10.19
C THR A 225 -11.56 -24.17 -9.16
N GLY A 226 -10.65 -23.30 -8.71
CA GLY A 226 -9.50 -23.72 -7.93
C GLY A 226 -8.41 -24.42 -8.72
N GLN A 227 -8.53 -24.51 -10.04
CA GLN A 227 -7.58 -25.25 -10.86
C GLN A 227 -7.06 -24.37 -12.00
N LEU A 228 -5.91 -24.75 -12.54
CA LEU A 228 -5.42 -24.17 -13.77
C LEU A 228 -6.23 -24.74 -14.94
N PRO A 229 -6.33 -24.01 -16.05
CA PRO A 229 -7.07 -24.54 -17.21
C PRO A 229 -6.30 -25.69 -17.84
N TYR A 230 -7.04 -26.53 -18.56
CA TYR A 230 -6.46 -27.60 -19.38
C TYR A 230 -5.68 -28.60 -18.53
N SER A 231 -6.04 -28.73 -17.25
CA SER A 231 -5.33 -29.66 -16.37
C SER A 231 -5.47 -31.09 -16.84
N ASN A 232 -6.53 -31.42 -17.58
CA ASN A 232 -6.69 -32.75 -18.15
C ASN A 232 -5.63 -33.06 -19.19
N ILE A 233 -5.08 -32.04 -19.85
CA ILE A 233 -4.25 -32.24 -21.02
C ILE A 233 -2.77 -32.32 -20.65
N ASN A 234 -2.27 -31.34 -19.89
CA ASN A 234 -0.87 -31.35 -19.41
C ASN A 234 0.13 -31.70 -20.52
N ASN A 235 -0.04 -31.07 -21.68
CA ASN A 235 0.96 -31.12 -22.75
C ASN A 235 1.06 -29.72 -23.31
N ARG A 236 2.21 -29.09 -23.09
CA ARG A 236 2.36 -27.67 -23.38
C ARG A 236 2.26 -27.38 -24.86
N ASP A 237 2.86 -28.24 -25.70
CA ASP A 237 2.78 -28.02 -27.15
C ASP A 237 1.37 -28.19 -27.65
N GLN A 238 0.66 -29.16 -27.11
CA GLN A 238 -0.73 -29.39 -27.49
C GLN A 238 -1.59 -28.17 -27.15
N ILE A 239 -1.41 -27.62 -25.95
CA ILE A 239 -2.16 -26.43 -25.52
C ILE A 239 -1.83 -25.24 -26.40
N ILE A 240 -0.57 -25.07 -26.76
CA ILE A 240 -0.18 -23.99 -27.67
C ILE A 240 -0.86 -24.16 -29.02
N GLU A 241 -0.76 -25.36 -29.58
CA GLU A 241 -1.38 -25.65 -30.86
C GLU A 241 -2.88 -25.42 -30.82
N MET A 242 -3.55 -25.96 -29.83
CA MET A 242 -4.99 -25.91 -29.75
C MET A 242 -5.56 -24.56 -29.39
N VAL A 243 -5.01 -23.91 -28.40
CA VAL A 243 -5.48 -22.57 -28.05
C VAL A 243 -5.17 -21.58 -29.17
N GLY A 244 -3.96 -21.68 -29.73
CA GLY A 244 -3.59 -20.80 -30.83
C GLY A 244 -4.53 -20.87 -32.02
N ARG A 245 -4.93 -22.08 -32.43
CA ARG A 245 -5.88 -22.20 -33.54
C ARG A 245 -7.34 -21.98 -33.12
N GLY A 246 -7.62 -21.78 -31.84
CA GLY A 246 -8.98 -21.54 -31.40
C GLY A 246 -9.86 -22.76 -31.28
N SER A 247 -9.29 -23.96 -31.14
CA SER A 247 -10.07 -25.16 -30.95
C SER A 247 -10.20 -25.56 -29.47
N LEU A 248 -9.51 -24.87 -28.57
CA LEU A 248 -9.51 -25.24 -27.16
C LEU A 248 -9.73 -24.01 -26.29
N SER A 249 -10.59 -24.13 -25.30
CA SER A 249 -10.78 -23.09 -24.29
C SER A 249 -11.09 -23.75 -22.97
N PRO A 250 -10.94 -23.04 -21.84
CA PRO A 250 -11.12 -23.65 -20.53
C PRO A 250 -12.48 -24.30 -20.38
N ASP A 251 -12.52 -25.39 -19.63
CA ASP A 251 -13.75 -26.17 -19.45
C ASP A 251 -14.53 -25.53 -18.31
N LEU A 252 -15.53 -24.71 -18.66
CA LEU A 252 -16.27 -23.97 -17.66
C LEU A 252 -17.20 -24.83 -16.83
N SER A 253 -17.41 -26.10 -17.19
CA SER A 253 -18.20 -27.00 -16.37
C SER A 253 -17.51 -27.30 -15.04
N LYS A 254 -16.21 -27.02 -14.91
CA LYS A 254 -15.51 -27.22 -13.65
C LYS A 254 -15.68 -26.06 -12.67
N VAL A 255 -16.40 -25.00 -13.08
CA VAL A 255 -16.65 -23.89 -12.16
C VAL A 255 -17.47 -24.39 -10.98
N ARG A 256 -17.08 -23.99 -9.77
CA ARG A 256 -17.77 -24.46 -8.57
C ARG A 256 -19.26 -24.11 -8.62
N SER A 257 -20.08 -25.00 -8.04
CA SER A 257 -21.52 -24.88 -8.17
C SER A 257 -22.08 -23.65 -7.45
N ASN A 258 -21.45 -23.23 -6.35
CA ASN A 258 -21.92 -22.04 -5.64
C ASN A 258 -21.38 -20.75 -6.25
N CYS A 259 -20.76 -20.81 -7.42
CA CYS A 259 -20.29 -19.62 -8.13
C CYS A 259 -21.46 -18.98 -8.88
N PRO A 260 -21.61 -17.66 -8.82
CA PRO A 260 -22.79 -17.03 -9.44
C PRO A 260 -22.73 -17.14 -10.95
N LYS A 261 -23.92 -17.27 -11.56
CA LYS A 261 -24.01 -17.44 -13.01
C LYS A 261 -23.54 -16.20 -13.76
N ARG A 262 -23.81 -15.01 -13.23
CA ARG A 262 -23.31 -13.79 -13.85
C ARG A 262 -21.79 -13.79 -13.91
N MET A 263 -21.14 -14.36 -12.89
CA MET A 263 -19.68 -14.46 -12.91
C MET A 263 -19.21 -15.46 -13.96
N LYS A 264 -19.96 -16.56 -14.14
CA LYS A 264 -19.60 -17.55 -15.14
C LYS A 264 -19.70 -16.95 -16.54
N ARG A 265 -20.75 -16.16 -16.80
CA ARG A 265 -20.90 -15.49 -18.10
C ARG A 265 -19.82 -14.43 -18.30
N LEU A 266 -19.45 -13.70 -17.24
CA LEU A 266 -18.38 -12.72 -17.37
C LEU A 266 -17.06 -13.37 -17.76
N MET A 267 -16.76 -14.51 -17.14
CA MET A 267 -15.57 -15.29 -17.50
C MET A 267 -15.58 -15.64 -18.99
N ALA A 268 -16.71 -16.15 -19.47
CA ALA A 268 -16.82 -16.56 -20.86
C ALA A 268 -16.59 -15.39 -21.81
N GLU A 269 -17.01 -14.18 -21.42
CA GLU A 269 -16.79 -12.99 -22.25
C GLU A 269 -15.33 -12.61 -22.31
N CYS A 270 -14.64 -12.61 -21.15
CA CYS A 270 -13.22 -12.28 -21.14
C CYS A 270 -12.41 -13.29 -21.94
N LEU A 271 -12.90 -14.51 -22.04
CA LEU A 271 -12.17 -15.58 -22.70
C LEU A 271 -12.51 -15.73 -24.16
N LYS A 272 -13.28 -14.79 -24.72
CA LYS A 272 -13.68 -14.90 -26.13
C LYS A 272 -12.46 -15.01 -27.03
N LYS A 273 -12.53 -15.92 -28.00
CA LYS A 273 -11.37 -16.16 -28.86
C LYS A 273 -11.09 -14.96 -29.75
N LYS A 274 -12.13 -14.26 -30.18
CA LYS A 274 -11.98 -13.04 -30.98
C LYS A 274 -11.71 -11.86 -30.06
N ARG A 275 -10.57 -11.26 -30.17
CA ARG A 275 -10.28 -10.22 -29.23
C ARG A 275 -11.24 -9.09 -29.13
N ASP A 276 -11.83 -8.70 -30.23
CA ASP A 276 -12.73 -7.55 -30.15
C ASP A 276 -14.05 -7.86 -29.47
N GLU A 277 -14.33 -9.12 -29.14
CA GLU A 277 -15.55 -9.47 -28.43
C GLU A 277 -15.38 -9.50 -26.92
N ARG A 278 -14.22 -9.22 -26.43
CA ARG A 278 -13.94 -9.20 -25.00
C ARG A 278 -14.32 -7.85 -24.39
N PRO A 279 -14.90 -7.84 -23.20
CA PRO A 279 -15.27 -6.58 -22.57
C PRO A 279 -14.04 -5.85 -22.06
N SER A 280 -14.18 -4.55 -21.87
CA SER A 280 -13.12 -3.79 -21.25
C SER A 280 -13.19 -3.92 -19.73
N PHE A 281 -12.14 -3.46 -19.06
CA PHE A 281 -12.12 -3.57 -17.61
C PHE A 281 -13.14 -2.67 -16.91
N PRO A 282 -13.45 -1.47 -17.42
CA PRO A 282 -14.57 -0.72 -16.81
C PRO A 282 -15.88 -1.48 -16.86
N ARG A 283 -16.18 -2.16 -17.97
CA ARG A 283 -17.39 -2.98 -18.00
C ARG A 283 -17.26 -4.21 -17.10
N ILE A 284 -16.07 -4.81 -17.05
CA ILE A 284 -15.85 -5.92 -16.12
C ILE A 284 -16.05 -5.45 -14.69
N LEU A 285 -15.42 -4.32 -14.35
CA LEU A 285 -15.54 -3.78 -12.99
C LEU A 285 -16.99 -3.46 -12.64
N ALA A 286 -17.70 -2.81 -13.57
CA ALA A 286 -19.13 -2.60 -13.35
C ALA A 286 -19.84 -3.93 -13.10
N GLU A 287 -19.70 -4.87 -14.04
CA GLU A 287 -20.41 -6.14 -13.90
C GLU A 287 -20.08 -6.84 -12.58
N ILE A 288 -18.82 -6.76 -12.13
CA ILE A 288 -18.46 -7.39 -10.85
C ILE A 288 -19.12 -6.64 -9.70
N GLU A 289 -18.78 -5.35 -9.54
CA GLU A 289 -19.23 -4.59 -8.37
C GLU A 289 -20.75 -4.51 -8.30
N GLU A 290 -21.44 -4.60 -9.44
CA GLU A 290 -22.90 -4.70 -9.43
C GLU A 290 -23.39 -6.13 -9.28
N LEU A 291 -22.51 -7.13 -9.46
CA LEU A 291 -22.89 -8.51 -9.23
C LEU A 291 -22.90 -8.84 -7.74
N ALA A 292 -22.00 -8.25 -6.96
CA ALA A 292 -21.98 -8.47 -5.53
C ALA A 292 -23.07 -7.63 -4.84
N ASP B 22 6.54 12.70 -13.73
CA ASP B 22 5.27 12.79 -14.44
C ASP B 22 4.33 13.77 -13.78
N ASP B 23 3.05 13.67 -14.12
CA ASP B 23 2.01 14.50 -13.49
C ASP B 23 0.98 13.59 -12.84
N TRP B 24 0.58 13.96 -11.63
CA TRP B 24 -0.40 13.23 -10.86
C TRP B 24 -1.76 13.92 -10.83
N GLU B 25 -1.98 14.86 -11.75
CA GLU B 25 -3.26 15.57 -11.85
C GLU B 25 -4.32 14.62 -12.41
N ILE B 26 -5.46 14.55 -11.73
CA ILE B 26 -6.56 13.68 -12.15
C ILE B 26 -7.60 14.57 -12.86
N PRO B 27 -7.86 14.33 -14.14
CA PRO B 27 -8.74 15.26 -14.89
C PRO B 27 -10.14 15.33 -14.30
N ASP B 28 -10.78 16.47 -14.51
CA ASP B 28 -12.07 16.73 -13.89
C ASP B 28 -13.13 15.75 -14.39
N GLY B 29 -13.87 15.16 -13.45
CA GLY B 29 -15.00 14.32 -13.77
C GLY B 29 -14.78 12.83 -13.62
N GLN B 30 -13.53 12.39 -13.39
CA GLN B 30 -13.25 10.97 -13.29
C GLN B 30 -13.61 10.40 -11.93
N ILE B 31 -13.57 11.22 -10.90
CA ILE B 31 -13.82 10.81 -9.53
C ILE B 31 -15.29 11.06 -9.20
N THR B 32 -15.97 10.04 -8.68
CA THR B 32 -17.33 10.16 -8.18
C THR B 32 -17.26 10.31 -6.66
N VAL B 33 -17.59 11.51 -6.17
CA VAL B 33 -17.47 11.78 -4.74
C VAL B 33 -18.66 11.18 -4.02
N GLY B 34 -18.39 10.38 -2.98
CA GLY B 34 -19.44 9.69 -2.27
C GLY B 34 -19.65 10.15 -0.85
N GLN B 35 -19.65 9.21 0.09
CA GLN B 35 -20.09 9.50 1.45
C GLN B 35 -19.12 10.45 2.15
N ARG B 36 -19.70 11.37 2.90
CA ARG B 36 -18.92 12.30 3.72
C ARG B 36 -18.35 11.57 4.93
N ILE B 37 -17.05 11.73 5.17
CA ILE B 37 -16.37 11.11 6.31
C ILE B 37 -16.20 12.08 7.46
N GLY B 38 -15.58 13.23 7.19
CA GLY B 38 -15.36 14.23 8.21
C GLY B 38 -14.54 15.37 7.64
N SER B 39 -14.15 16.28 8.53
CA SER B 39 -13.30 17.39 8.13
C SER B 39 -11.93 17.31 8.80
N GLY B 43 -9.55 20.98 5.42
CA GLY B 43 -10.09 20.08 4.41
C GLY B 43 -11.13 19.11 4.92
N THR B 44 -12.09 18.78 4.06
CA THR B 44 -13.12 17.78 4.33
C THR B 44 -12.83 16.51 3.53
N VAL B 45 -12.97 15.35 4.19
CA VAL B 45 -12.63 14.05 3.61
C VAL B 45 -13.91 13.34 3.18
N TYR B 46 -13.92 12.86 1.94
CA TYR B 46 -15.00 12.03 1.41
C TYR B 46 -14.42 10.71 0.92
N LYS B 47 -15.24 9.66 0.95
CA LYS B 47 -14.96 8.46 0.18
C LYS B 47 -15.39 8.68 -1.26
N GLY B 48 -14.63 8.11 -2.20
CA GLY B 48 -14.90 8.31 -3.61
C GLY B 48 -14.67 7.04 -4.41
N LYS B 49 -14.97 7.14 -5.70
CA LYS B 49 -14.73 6.09 -6.67
C LYS B 49 -13.80 6.61 -7.74
N TRP B 50 -12.68 5.91 -7.96
CA TRP B 50 -11.75 6.25 -9.05
C TRP B 50 -10.88 5.00 -9.25
N HIS B 51 -11.21 4.22 -10.27
CA HIS B 51 -10.57 2.91 -10.50
C HIS B 51 -10.64 2.06 -9.22
N GLY B 52 -11.77 2.14 -8.52
CA GLY B 52 -11.92 1.50 -7.24
C GLY B 52 -12.20 2.53 -6.17
N ASP B 53 -11.95 2.18 -4.90
CA ASP B 53 -12.20 3.07 -3.78
C ASP B 53 -11.05 4.05 -3.59
N VAL B 54 -11.39 5.29 -3.24
CA VAL B 54 -10.39 6.32 -2.93
C VAL B 54 -10.93 7.18 -1.80
N ALA B 55 -10.02 7.89 -1.14
CA ALA B 55 -10.36 8.96 -0.22
C ALA B 55 -10.01 10.29 -0.88
N VAL B 56 -10.90 11.28 -0.73
CA VAL B 56 -10.72 12.60 -1.33
C VAL B 56 -10.88 13.64 -0.23
N LYS B 57 -9.83 14.42 -0.01
CA LYS B 57 -9.82 15.54 0.93
C LYS B 57 -9.85 16.82 0.12
N MET B 58 -10.92 17.61 0.28
CA MET B 58 -11.13 18.81 -0.51
C MET B 58 -10.98 20.05 0.34
N LEU B 59 -10.29 21.06 -0.20
CA LEU B 59 -10.20 22.37 0.45
C LEU B 59 -11.48 23.15 0.16
N ASN B 60 -12.26 23.42 1.20
CA ASN B 60 -13.57 24.03 1.03
C ASN B 60 -13.44 25.55 1.00
N VAL B 61 -12.98 26.05 -0.15
CA VAL B 61 -12.97 27.48 -0.43
C VAL B 61 -13.57 27.70 -1.82
N THR B 62 -14.20 28.86 -1.99
CA THR B 62 -14.81 29.19 -3.28
C THR B 62 -13.75 29.31 -4.36
N ALA B 63 -12.82 30.23 -4.18
CA ALA B 63 -11.71 30.43 -5.10
C ALA B 63 -10.44 30.44 -4.26
N PRO B 64 -9.48 29.56 -4.54
CA PRO B 64 -8.22 29.60 -3.76
C PRO B 64 -7.46 30.89 -4.00
N THR B 65 -7.02 31.52 -2.91
CA THR B 65 -6.04 32.60 -3.01
C THR B 65 -4.70 31.99 -3.42
N PRO B 66 -3.82 32.79 -4.05
CA PRO B 66 -2.51 32.27 -4.43
C PRO B 66 -1.68 31.76 -3.24
N GLN B 67 -1.93 32.25 -2.03
CA GLN B 67 -1.27 31.68 -0.86
C GLN B 67 -1.79 30.28 -0.57
N GLN B 68 -3.10 30.08 -0.67
CA GLN B 68 -3.66 28.72 -0.62
C GLN B 68 -3.12 27.87 -1.76
N LEU B 69 -3.01 28.45 -2.96
CA LEU B 69 -2.61 27.66 -4.11
C LEU B 69 -1.15 27.24 -4.02
N GLN B 70 -0.33 28.03 -3.34
CA GLN B 70 1.08 27.67 -3.24
C GLN B 70 1.30 26.60 -2.18
N ALA B 71 0.74 26.79 -0.98
CA ALA B 71 0.81 25.77 0.04
C ALA B 71 0.29 24.43 -0.47
N PHE B 72 -0.70 24.46 -1.38
CA PHE B 72 -1.22 23.22 -1.94
C PHE B 72 -0.22 22.55 -2.88
N LYS B 73 0.45 23.33 -3.75
CA LYS B 73 1.42 22.72 -4.65
C LYS B 73 2.65 22.26 -3.89
N ASN B 74 3.04 22.98 -2.83
CA ASN B 74 4.11 22.49 -1.96
C ASN B 74 3.72 21.16 -1.33
N GLU B 75 2.47 21.04 -0.87
CA GLU B 75 2.03 19.79 -0.25
C GLU B 75 2.11 18.64 -1.24
N VAL B 76 1.59 18.83 -2.46
CA VAL B 76 1.70 17.79 -3.48
C VAL B 76 3.17 17.44 -3.72
N GLY B 77 4.04 18.45 -3.70
CA GLY B 77 5.47 18.17 -3.86
C GLY B 77 5.99 17.21 -2.79
N VAL B 78 5.48 17.34 -1.57
CA VAL B 78 5.88 16.44 -0.49
C VAL B 78 5.27 15.05 -0.68
N LEU B 79 3.95 15.00 -0.95
CA LEU B 79 3.29 13.70 -1.09
C LEU B 79 3.88 12.87 -2.21
N ARG B 80 4.22 13.53 -3.34
CA ARG B 80 4.83 12.84 -4.48
C ARG B 80 6.09 12.08 -4.11
N LYS B 81 6.78 12.50 -3.04
CA LYS B 81 8.05 11.89 -2.67
C LYS B 81 7.89 10.66 -1.79
N THR B 82 6.67 10.20 -1.55
CA THR B 82 6.45 9.12 -0.59
C THR B 82 5.96 7.88 -1.31
N ARG B 83 6.69 6.77 -1.13
CA ARG B 83 6.27 5.43 -1.55
C ARG B 83 6.73 4.44 -0.48
N HIS B 84 5.81 4.09 0.41
CA HIS B 84 6.16 3.16 1.48
C HIS B 84 4.85 2.52 1.98
N VAL B 85 4.91 1.24 2.38
CA VAL B 85 3.68 0.55 2.75
C VAL B 85 3.01 1.15 3.99
N ASN B 86 3.77 1.87 4.82
CA ASN B 86 3.19 2.44 6.04
C ASN B 86 2.87 3.92 5.95
N ILE B 87 2.97 4.51 4.76
CA ILE B 87 2.52 5.87 4.48
C ILE B 87 1.25 5.77 3.65
N LEU B 88 0.21 6.49 4.06
CA LEU B 88 -1.02 6.57 3.27
C LEU B 88 -0.69 6.89 1.82
N LEU B 89 -1.21 6.08 0.90
CA LEU B 89 -0.77 6.13 -0.48
C LEU B 89 -1.38 7.33 -1.19
N PHE B 90 -0.56 8.34 -1.45
CA PHE B 90 -0.96 9.42 -2.34
C PHE B 90 -1.22 8.85 -3.74
N MET B 91 -2.31 9.28 -4.36
CA MET B 91 -2.69 8.78 -5.69
C MET B 91 -2.91 9.86 -6.72
N GLY B 92 -3.15 11.10 -6.32
CA GLY B 92 -3.42 12.15 -7.29
C GLY B 92 -3.98 13.38 -6.61
N TYR B 93 -4.25 14.40 -7.43
CA TYR B 93 -4.82 15.64 -6.92
C TYR B 93 -5.68 16.27 -8.00
N SER B 94 -6.50 17.23 -7.58
CA SER B 94 -7.31 18.03 -8.49
C SER B 94 -7.22 19.48 -8.06
N THR B 95 -7.51 20.39 -8.99
CA THR B 95 -7.66 21.80 -8.67
C THR B 95 -9.05 22.36 -8.99
N LYS B 96 -9.77 21.76 -9.92
CA LYS B 96 -11.15 22.16 -10.20
C LYS B 96 -12.09 21.03 -9.82
N PRO B 97 -13.26 21.35 -9.24
CA PRO B 97 -13.73 22.69 -8.86
C PRO B 97 -13.02 23.27 -7.64
N GLN B 98 -12.38 22.41 -6.84
CA GLN B 98 -11.59 22.92 -5.73
C GLN B 98 -10.42 21.98 -5.47
N LEU B 99 -9.50 22.45 -4.65
CA LEU B 99 -8.26 21.73 -4.38
C LEU B 99 -8.58 20.44 -3.64
N ALA B 100 -8.02 19.33 -4.13
CA ALA B 100 -8.33 18.02 -3.56
C ALA B 100 -7.11 17.11 -3.62
N ILE B 101 -6.86 16.39 -2.52
CA ILE B 101 -5.86 15.33 -2.44
C ILE B 101 -6.58 14.00 -2.51
N VAL B 102 -6.15 13.13 -3.42
CA VAL B 102 -6.74 11.81 -3.57
C VAL B 102 -5.76 10.78 -3.02
N THR B 103 -6.24 9.92 -2.13
CA THR B 103 -5.40 8.83 -1.62
C THR B 103 -6.15 7.51 -1.73
N GLN B 104 -5.44 6.43 -1.44
CA GLN B 104 -6.09 5.15 -1.23
C GLN B 104 -7.17 5.28 -0.15
N TRP B 105 -8.17 4.41 -0.25
CA TRP B 105 -9.13 4.21 0.81
C TRP B 105 -8.56 3.16 1.77
N CYS B 106 -8.73 3.37 3.07
CA CYS B 106 -8.29 2.40 4.05
C CYS B 106 -9.49 1.60 4.54
N GLU B 107 -9.45 0.29 4.32
CA GLU B 107 -10.49 -0.59 4.83
C GLU B 107 -10.31 -0.73 6.33
N GLY B 108 -11.12 -0.04 7.10
CA GLY B 108 -11.02 -0.10 8.53
C GLY B 108 -11.13 1.29 9.10
N SER B 109 -10.59 1.46 10.31
CA SER B 109 -10.72 2.70 11.05
C SER B 109 -9.36 3.17 11.53
N SER B 110 -9.34 4.36 12.13
CA SER B 110 -8.12 4.94 12.67
C SER B 110 -7.67 4.20 13.93
N LEU B 111 -6.38 4.33 14.23
CA LEU B 111 -5.85 3.78 15.48
C LEU B 111 -6.54 4.40 16.68
N TYR B 112 -6.87 5.70 16.60
CA TYR B 112 -7.57 6.34 17.70
C TYR B 112 -8.90 5.65 17.98
N HIS B 113 -9.65 5.32 16.92
CA HIS B 113 -10.92 4.64 17.10
C HIS B 113 -10.73 3.29 17.77
N HIS B 114 -9.73 2.53 17.33
CA HIS B 114 -9.47 1.21 17.89
C HIS B 114 -9.10 1.29 19.36
N LEU B 115 -8.29 2.28 19.74
CA LEU B 115 -7.77 2.35 21.11
C LEU B 115 -8.75 3.03 22.07
N HIS B 116 -9.45 4.08 21.61
CA HIS B 116 -10.20 4.92 22.54
C HIS B 116 -11.69 4.99 22.30
N ALA B 117 -12.23 4.38 21.24
CA ALA B 117 -13.67 4.37 21.07
C ALA B 117 -14.23 2.96 21.07
N SER B 118 -13.68 2.07 20.25
CA SER B 118 -14.27 0.76 20.05
C SER B 118 -14.08 -0.12 21.29
N GLU B 119 -14.64 -1.32 21.20
CA GLU B 119 -14.81 -2.28 22.29
C GLU B 119 -13.59 -3.15 22.52
N THR B 120 -12.93 -3.59 21.45
CA THR B 120 -11.97 -4.67 21.51
C THR B 120 -10.60 -4.18 21.98
N LYS B 121 -9.87 -5.07 22.65
CA LYS B 121 -8.51 -4.82 23.08
C LYS B 121 -7.54 -5.55 22.15
N PHE B 122 -6.46 -4.87 21.77
CA PHE B 122 -5.40 -5.51 21.01
C PHE B 122 -4.54 -6.36 21.94
N GLU B 123 -4.15 -7.53 21.46
CA GLU B 123 -3.12 -8.29 22.16
C GLU B 123 -1.78 -7.58 22.04
N MET B 124 -0.92 -7.77 23.03
CA MET B 124 0.35 -7.04 23.07
C MET B 124 1.16 -7.28 21.81
N LYS B 125 1.15 -8.52 21.30
CA LYS B 125 1.86 -8.84 20.08
C LYS B 125 1.46 -7.92 18.92
N LYS B 126 0.16 -7.67 18.77
CA LYS B 126 -0.33 -6.80 17.72
C LYS B 126 0.04 -5.35 18.03
N LEU B 127 -0.03 -4.95 19.30
CA LEU B 127 0.32 -3.58 19.66
C LEU B 127 1.75 -3.26 19.28
N ILE B 128 2.67 -4.21 19.47
CA ILE B 128 4.07 -3.97 19.13
C ILE B 128 4.27 -3.95 17.63
N ASP B 129 3.53 -4.79 16.90
CA ASP B 129 3.59 -4.73 15.44
C ASP B 129 3.10 -3.39 14.93
N ILE B 130 2.04 -2.84 15.53
CA ILE B 130 1.58 -1.52 15.13
C ILE B 130 2.65 -0.48 15.44
N ALA B 131 3.24 -0.56 16.63
CA ALA B 131 4.36 0.31 16.96
C ALA B 131 5.48 0.17 15.93
N ARG B 132 5.80 -1.06 15.56
CA ARG B 132 6.88 -1.31 14.60
C ARG B 132 6.57 -0.67 13.25
N GLN B 133 5.35 -0.88 12.75
CA GLN B 133 4.99 -0.34 11.45
C GLN B 133 4.94 1.18 11.44
N THR B 134 4.46 1.76 12.54
CA THR B 134 4.47 3.22 12.65
C THR B 134 5.89 3.75 12.59
N ALA B 135 6.82 3.08 13.30
CA ALA B 135 8.21 3.52 13.30
C ALA B 135 8.85 3.36 11.92
N ARG B 136 8.47 2.32 11.18
CA ARG B 136 8.97 2.17 9.80
C ARG B 136 8.52 3.33 8.93
N GLY B 137 7.23 3.70 9.02
CA GLY B 137 6.76 4.83 8.24
C GLY B 137 7.47 6.12 8.62
N MET B 138 7.66 6.34 9.92
CA MET B 138 8.30 7.57 10.36
C MET B 138 9.79 7.57 10.00
N ASP B 139 10.45 6.42 10.16
CA ASP B 139 11.85 6.31 9.76
C ASP B 139 12.00 6.63 8.27
N TYR B 140 11.05 6.13 7.46
CA TYR B 140 11.05 6.44 6.03
C TYR B 140 10.89 7.94 5.78
N LEU B 141 9.90 8.56 6.42
CA LEU B 141 9.69 9.99 6.20
C LEU B 141 10.93 10.79 6.58
N HIS B 142 11.54 10.47 7.72
CA HIS B 142 12.68 11.28 8.14
C HIS B 142 13.87 11.09 7.20
N ALA B 143 14.01 9.88 6.63
CA ALA B 143 15.06 9.63 5.65
C ALA B 143 14.86 10.43 4.37
N LYS B 144 13.61 10.78 4.04
CA LYS B 144 13.33 11.68 2.92
C LYS B 144 13.31 13.13 3.35
N SER B 145 13.74 13.44 4.58
CA SER B 145 13.77 14.80 5.11
C SER B 145 12.37 15.42 5.25
N ILE B 146 11.37 14.59 5.51
CA ILE B 146 10.01 15.04 5.75
C ILE B 146 9.74 15.05 7.25
N ILE B 147 9.41 16.23 7.79
CA ILE B 147 8.91 16.35 9.15
C ILE B 147 7.38 16.27 9.09
N HIS B 148 6.80 15.36 9.86
CA HIS B 148 5.35 15.19 9.81
C HIS B 148 4.62 16.38 10.45
N ARG B 149 4.98 16.70 11.69
CA ARG B 149 4.48 17.80 12.51
C ARG B 149 3.08 17.58 13.11
N ASP B 150 2.39 16.48 12.79
CA ASP B 150 1.10 16.26 13.43
C ASP B 150 0.81 14.77 13.57
N LEU B 151 1.83 13.99 13.93
CA LEU B 151 1.60 12.57 14.16
C LEU B 151 0.71 12.37 15.37
N LYS B 152 -0.41 11.67 15.18
CA LYS B 152 -1.28 11.31 16.29
C LYS B 152 -2.14 10.14 15.85
N SER B 153 -2.72 9.45 16.83
CA SER B 153 -3.40 8.20 16.51
C SER B 153 -4.62 8.41 15.62
N ASN B 154 -5.20 9.61 15.62
CA ASN B 154 -6.35 9.86 14.76
C ASN B 154 -5.98 9.96 13.29
N ASN B 155 -4.69 10.18 12.99
CA ASN B 155 -4.18 10.24 11.62
C ASN B 155 -3.35 9.01 11.26
N ILE B 156 -3.54 7.91 11.99
CA ILE B 156 -2.94 6.62 11.67
C ILE B 156 -4.08 5.65 11.43
N PHE B 157 -4.12 5.04 10.24
CA PHE B 157 -5.23 4.15 9.90
C PHE B 157 -4.73 2.72 9.88
N LEU B 158 -5.59 1.77 10.27
CA LEU B 158 -5.25 0.35 10.20
C LEU B 158 -5.99 -0.22 9.00
N HIS B 159 -5.31 -0.28 7.87
CA HIS B 159 -5.89 -0.80 6.64
C HIS B 159 -6.04 -2.33 6.74
N GLU B 160 -7.27 -2.82 6.50
CA GLU B 160 -7.63 -4.23 6.67
C GLU B 160 -7.20 -4.76 8.04
N ASP B 161 -7.25 -3.89 9.06
CA ASP B 161 -6.90 -4.21 10.43
C ASP B 161 -5.42 -4.52 10.66
N ASN B 162 -4.59 -4.59 9.61
CA ASN B 162 -3.24 -5.11 9.74
C ASN B 162 -2.11 -4.20 9.27
N THR B 163 -2.36 -3.24 8.39
CA THR B 163 -1.29 -2.39 7.87
C THR B 163 -1.50 -0.95 8.31
N VAL B 164 -0.52 -0.41 9.05
CA VAL B 164 -0.53 0.99 9.45
C VAL B 164 -0.36 1.88 8.23
N LYS B 165 -1.17 2.93 8.15
CA LYS B 165 -1.05 3.98 7.14
C LYS B 165 -1.02 5.32 7.86
N ILE B 166 0.12 6.02 7.79
CA ILE B 166 0.27 7.35 8.39
C ILE B 166 -0.21 8.39 7.40
N GLY B 167 -1.13 9.25 7.84
CA GLY B 167 -1.67 10.28 6.97
C GLY B 167 -1.49 11.68 7.53
N ASP B 168 -2.09 12.67 6.84
CA ASP B 168 -2.19 14.06 7.31
C ASP B 168 -0.82 14.73 7.47
N PHE B 169 -0.10 14.86 6.36
CA PHE B 169 1.15 15.61 6.32
C PHE B 169 1.33 16.23 4.94
N SER B 188 -3.92 22.80 16.81
CA SER B 188 -4.01 23.03 18.25
C SER B 188 -4.92 21.98 18.90
N GLY B 189 -5.65 21.21 18.08
CA GLY B 189 -6.43 20.09 18.58
C GLY B 189 -5.58 18.86 18.78
N SER B 190 -4.26 19.07 18.87
CA SER B 190 -3.30 17.98 18.95
C SER B 190 -2.37 18.12 20.15
N ILE B 191 -2.79 18.85 21.19
CA ILE B 191 -1.81 19.23 22.21
C ILE B 191 -1.26 18.01 22.94
N LEU B 192 -2.04 16.93 23.05
CA LEU B 192 -1.59 15.76 23.80
C LEU B 192 -0.32 15.15 23.19
N TRP B 193 -0.09 15.35 21.90
CA TRP B 193 1.06 14.80 21.21
C TRP B 193 2.20 15.79 21.03
N MET B 194 2.08 17.01 21.58
CA MET B 194 3.04 18.06 21.34
C MET B 194 4.16 18.02 22.35
N ALA B 195 5.39 18.01 21.85
CA ALA B 195 6.57 18.08 22.71
C ALA B 195 6.58 19.41 23.46
N PRO B 196 7.25 19.47 24.62
CA PRO B 196 7.23 20.72 25.41
C PRO B 196 7.63 21.94 24.58
N GLU B 197 8.61 21.83 23.69
CA GLU B 197 9.02 22.98 22.91
C GLU B 197 7.95 23.37 21.89
N VAL B 198 7.11 22.42 21.48
CA VAL B 198 5.99 22.78 20.60
C VAL B 198 4.83 23.34 21.42
N ILE B 199 4.49 22.70 22.54
CA ILE B 199 3.27 23.05 23.27
C ILE B 199 3.38 24.39 23.99
N ARG B 200 4.58 24.97 24.08
CA ARG B 200 4.69 26.36 24.50
C ARG B 200 4.00 27.27 23.49
N MET B 201 3.28 26.65 22.54
CA MET B 201 2.55 27.32 21.47
C MET B 201 3.50 28.20 20.65
N GLN B 202 4.60 27.59 20.23
CA GLN B 202 5.56 28.20 19.32
C GLN B 202 6.18 29.46 19.90
N SER B 204 9.04 30.57 17.03
CA SER B 204 8.64 30.87 15.66
C SER B 204 8.45 29.59 14.84
N ASN B 205 9.38 28.64 14.97
CA ASN B 205 9.23 27.30 14.38
C ASN B 205 9.82 26.27 15.34
N PRO B 206 8.99 25.64 16.16
CA PRO B 206 9.49 24.64 17.11
C PRO B 206 9.55 23.22 16.58
N TYR B 207 9.14 22.98 15.34
CA TYR B 207 8.96 21.62 14.84
C TYR B 207 10.27 21.07 14.28
N SER B 208 10.52 19.79 14.55
CA SER B 208 11.79 19.18 14.16
C SER B 208 11.56 17.68 14.05
N PHE B 209 12.59 16.97 13.56
CA PHE B 209 12.55 15.50 13.63
C PHE B 209 12.30 15.06 15.08
N GLN B 210 12.86 15.79 16.04
CA GLN B 210 12.76 15.40 17.45
C GLN B 210 11.37 15.59 18.01
N SER B 211 10.62 16.61 17.54
CA SER B 211 9.24 16.72 18.00
C SER B 211 8.35 15.65 17.39
N ASP B 212 8.66 15.18 16.17
CA ASP B 212 8.01 13.97 15.64
C ASP B 212 8.29 12.77 16.55
N VAL B 213 9.54 12.62 17.00
CA VAL B 213 9.86 11.51 17.89
C VAL B 213 9.03 11.57 19.16
N TYR B 214 8.84 12.78 19.71
CA TYR B 214 8.02 12.90 20.92
C TYR B 214 6.58 12.49 20.64
N ALA B 215 6.02 12.96 19.53
CA ALA B 215 4.65 12.60 19.20
C ALA B 215 4.53 11.09 19.03
N PHE B 216 5.56 10.46 18.43
CA PHE B 216 5.61 9.00 18.36
C PHE B 216 5.63 8.39 19.76
N GLY B 217 6.39 8.99 20.67
CA GLY B 217 6.35 8.51 22.06
C GLY B 217 4.96 8.54 22.66
N ILE B 218 4.14 9.52 22.30
CA ILE B 218 2.78 9.56 22.81
C ILE B 218 1.94 8.46 22.16
N VAL B 219 2.14 8.20 20.87
CA VAL B 219 1.45 7.06 20.25
C VAL B 219 1.81 5.77 20.96
N LEU B 220 3.10 5.57 21.24
CA LEU B 220 3.50 4.40 22.04
C LEU B 220 2.74 4.34 23.35
N TYR B 221 2.61 5.49 24.00
CA TYR B 221 1.88 5.54 25.26
C TYR B 221 0.43 5.11 25.08
N GLU B 222 -0.24 5.60 24.03
CA GLU B 222 -1.58 5.14 23.72
C GLU B 222 -1.63 3.63 23.51
N LEU B 223 -0.67 3.09 22.74
CA LEU B 223 -0.68 1.67 22.47
C LEU B 223 -0.46 0.85 23.74
N MET B 224 0.52 1.24 24.55
CA MET B 224 0.90 0.42 25.71
C MET B 224 -0.02 0.61 26.91
N THR B 225 -0.78 1.70 26.97
CA THR B 225 -1.72 1.89 28.08
C THR B 225 -3.18 1.78 27.67
N GLY B 226 -3.48 1.83 26.37
CA GLY B 226 -4.85 1.95 25.92
C GLY B 226 -5.51 3.28 26.21
N GLN B 227 -4.78 4.28 26.71
CA GLN B 227 -5.36 5.54 27.15
C GLN B 227 -4.67 6.75 26.51
N LEU B 228 -5.37 7.86 26.51
CA LEU B 228 -4.75 9.13 26.23
C LEU B 228 -3.99 9.63 27.45
N PRO B 229 -2.88 10.33 27.26
CA PRO B 229 -2.14 10.88 28.42
C PRO B 229 -2.96 11.96 29.14
N TYR B 230 -2.64 12.12 30.43
CA TYR B 230 -3.17 13.19 31.30
C TYR B 230 -4.69 13.03 31.52
N SER B 231 -5.10 11.81 31.85
CA SER B 231 -6.50 11.55 32.20
C SER B 231 -6.91 12.33 33.45
N ASN B 232 -5.96 12.67 34.32
CA ASN B 232 -6.29 13.44 35.52
C ASN B 232 -6.64 14.87 35.17
N ILE B 233 -5.94 15.46 34.21
CA ILE B 233 -6.00 16.90 33.94
C ILE B 233 -7.01 17.13 32.81
N ASN B 234 -8.21 17.57 33.19
CA ASN B 234 -9.28 17.84 32.23
C ASN B 234 -9.37 19.32 31.87
N ASN B 235 -8.23 20.03 31.89
CA ASN B 235 -8.17 21.45 31.62
C ASN B 235 -7.06 21.71 30.61
N ARG B 236 -7.42 22.26 29.46
CA ARG B 236 -6.48 22.41 28.36
C ARG B 236 -5.30 23.31 28.74
N ASP B 237 -5.59 24.44 29.41
CA ASP B 237 -4.56 25.40 29.77
C ASP B 237 -3.63 24.86 30.84
N GLN B 238 -4.11 23.95 31.69
CA GLN B 238 -3.22 23.32 32.65
C GLN B 238 -2.23 22.39 31.95
N ILE B 239 -2.71 21.64 30.95
CA ILE B 239 -1.81 20.77 30.20
C ILE B 239 -0.74 21.59 29.49
N ILE B 240 -1.15 22.68 28.84
CA ILE B 240 -0.19 23.53 28.14
C ILE B 240 0.87 24.05 29.10
N GLU B 241 0.43 24.61 30.24
CA GLU B 241 1.37 25.14 31.22
C GLU B 241 2.27 24.05 31.79
N MET B 242 1.68 22.94 32.25
CA MET B 242 2.47 21.94 32.96
C MET B 242 3.39 21.15 32.02
N VAL B 243 2.98 20.94 30.77
CA VAL B 243 3.87 20.22 29.87
C VAL B 243 4.96 21.12 29.33
N GLY B 244 4.60 22.36 28.96
CA GLY B 244 5.58 23.25 28.34
C GLY B 244 6.59 23.79 29.33
N ARG B 245 6.14 24.18 30.51
CA ARG B 245 7.01 24.83 31.48
C ARG B 245 7.17 24.06 32.77
N GLY B 246 6.38 23.00 32.98
CA GLY B 246 6.47 22.19 34.17
C GLY B 246 7.11 20.84 33.92
N SER B 247 6.84 19.90 34.82
CA SER B 247 7.42 18.57 34.79
C SER B 247 6.43 17.52 34.33
N LEU B 248 5.26 17.94 33.87
CA LEU B 248 4.21 16.99 33.52
C LEU B 248 4.61 16.16 32.31
N SER B 249 4.64 14.85 32.49
CA SER B 249 4.86 13.88 31.44
C SER B 249 3.96 12.71 31.71
N PRO B 250 3.70 11.85 30.72
CA PRO B 250 2.71 10.78 30.89
C PRO B 250 3.09 9.81 32.00
N ASP B 251 2.06 9.19 32.58
CA ASP B 251 2.22 8.28 33.71
C ASP B 251 2.56 6.89 33.18
N LEU B 252 3.84 6.55 33.23
CA LEU B 252 4.29 5.27 32.69
C LEU B 252 3.92 4.09 33.57
N SER B 253 3.49 4.32 34.80
CA SER B 253 2.98 3.22 35.60
C SER B 253 1.68 2.66 35.05
N LYS B 254 1.05 3.33 34.08
CA LYS B 254 -0.17 2.83 33.48
C LYS B 254 0.05 1.87 32.32
N VAL B 255 1.30 1.58 31.92
CA VAL B 255 1.50 0.64 30.84
C VAL B 255 1.01 -0.74 31.25
N ARG B 256 0.49 -1.51 30.30
CA ARG B 256 -0.04 -2.82 30.61
C ARG B 256 1.07 -3.73 31.16
N SER B 257 0.66 -4.67 32.03
CA SER B 257 1.63 -5.46 32.77
C SER B 257 2.53 -6.29 31.86
N ASN B 258 2.02 -6.74 30.72
CA ASN B 258 2.83 -7.53 29.81
C ASN B 258 3.56 -6.68 28.77
N CYS B 259 3.54 -5.36 28.92
CA CYS B 259 4.35 -4.50 28.06
C CYS B 259 5.82 -4.73 28.35
N PRO B 260 6.65 -5.03 27.33
CA PRO B 260 8.04 -5.37 27.61
C PRO B 260 8.80 -4.20 28.22
N LYS B 261 9.65 -4.50 29.20
CA LYS B 261 10.42 -3.45 29.85
C LYS B 261 11.26 -2.67 28.84
N ARG B 262 11.81 -3.36 27.84
CA ARG B 262 12.53 -2.67 26.77
C ARG B 262 11.65 -1.61 26.11
N MET B 263 10.36 -1.90 25.94
CA MET B 263 9.46 -0.94 25.34
C MET B 263 9.21 0.25 26.26
N LYS B 264 9.09 -0.01 27.56
CA LYS B 264 8.91 1.08 28.51
C LYS B 264 10.08 2.05 28.48
N ARG B 265 11.30 1.51 28.40
CA ARG B 265 12.48 2.38 28.37
C ARG B 265 12.53 3.20 27.08
N LEU B 266 12.19 2.58 25.94
CA LEU B 266 12.17 3.30 24.67
C LEU B 266 11.17 4.45 24.72
N MET B 267 9.99 4.21 25.26
CA MET B 267 8.98 5.25 25.42
C MET B 267 9.51 6.43 26.23
N ALA B 268 10.14 6.15 27.38
CA ALA B 268 10.65 7.23 28.21
C ALA B 268 11.72 8.04 27.47
N GLU B 269 12.50 7.39 26.59
CA GLU B 269 13.51 8.11 25.82
C GLU B 269 12.86 9.04 24.80
N CYS B 270 11.83 8.55 24.08
CA CYS B 270 11.15 9.37 23.08
C CYS B 270 10.49 10.59 23.71
N LEU B 271 10.09 10.49 24.96
CA LEU B 271 9.36 11.54 25.65
C LEU B 271 10.26 12.48 26.46
N LYS B 272 11.59 12.36 26.33
CA LYS B 272 12.49 13.25 27.07
C LYS B 272 12.13 14.71 26.83
N LYS B 273 12.19 15.51 27.90
CA LYS B 273 11.71 16.89 27.83
C LYS B 273 12.54 17.73 26.87
N LYS B 274 13.87 17.55 26.85
CA LYS B 274 14.76 18.34 25.98
C LYS B 274 14.93 17.58 24.66
N ARG B 275 14.69 18.27 23.54
CA ARG B 275 14.53 17.61 22.24
C ARG B 275 15.76 16.81 21.84
N ASP B 276 16.96 17.26 22.23
CA ASP B 276 18.16 16.65 21.68
C ASP B 276 18.62 15.42 22.42
N GLU B 277 17.89 14.95 23.41
CA GLU B 277 18.22 13.61 23.88
C GLU B 277 17.17 12.59 23.57
N ARG B 278 16.21 12.91 22.82
CA ARG B 278 15.37 11.89 22.26
C ARG B 278 16.16 11.11 21.21
N PRO B 279 15.91 9.80 21.06
CA PRO B 279 16.59 9.05 20.01
C PRO B 279 16.02 9.39 18.65
N SER B 280 16.71 8.96 17.62
CA SER B 280 16.23 9.15 16.26
C SER B 280 15.53 7.88 15.78
N PHE B 281 14.79 8.01 14.69
CA PHE B 281 14.01 6.85 14.27
C PHE B 281 14.81 5.63 13.82
N PRO B 282 16.02 5.77 13.24
CA PRO B 282 16.79 4.54 12.98
C PRO B 282 17.02 3.72 14.23
N ARG B 283 17.37 4.37 15.35
CA ARG B 283 17.55 3.66 16.62
C ARG B 283 16.22 3.20 17.21
N ILE B 284 15.19 4.02 17.11
CA ILE B 284 13.87 3.61 17.58
C ILE B 284 13.42 2.35 16.85
N LEU B 285 13.56 2.35 15.52
CA LEU B 285 13.10 1.20 14.73
C LEU B 285 13.90 -0.05 15.06
N ALA B 286 15.23 0.09 15.13
CA ALA B 286 16.06 -1.06 15.49
C ALA B 286 15.66 -1.62 16.85
N GLU B 287 15.42 -0.73 17.82
CA GLU B 287 15.06 -1.19 19.16
C GLU B 287 13.72 -1.93 19.16
N ILE B 288 12.73 -1.43 18.43
CA ILE B 288 11.44 -2.12 18.37
C ILE B 288 11.57 -3.45 17.64
N GLU B 289 12.28 -3.47 16.51
CA GLU B 289 12.49 -4.72 15.79
C GLU B 289 13.20 -5.74 16.67
N GLU B 290 14.27 -5.32 17.35
CA GLU B 290 15.00 -6.21 18.24
C GLU B 290 14.13 -6.64 19.41
N LEU B 291 13.28 -5.74 19.90
CA LEU B 291 12.38 -6.05 21.00
C LEU B 291 11.33 -7.06 20.59
N ALA B 292 10.83 -6.96 19.36
CA ALA B 292 9.77 -7.84 18.90
C ALA B 292 10.22 -9.30 18.80
N ARG B 293 11.53 -9.57 18.91
CA ARG B 293 12.02 -10.95 18.77
C ARG B 293 11.69 -11.82 19.97
N GLU B 294 11.69 -11.25 21.19
CA GLU B 294 11.62 -12.08 22.39
C GLU B 294 10.22 -12.61 22.62
N LEU B 295 9.20 -11.86 22.22
CA LEU B 295 7.83 -12.28 22.45
C LEU B 295 7.40 -13.31 21.41
CAA 6DC C . 5.82 -2.66 -9.21
CAO 6DC C . 6.14 -3.86 -10.14
CAP 6DC C . 7.64 -3.91 -10.32
SBB 6DC C . 8.12 -5.41 -11.27
OAE 6DC C . 9.59 -5.23 -11.54
OAF 6DC C . 7.34 -5.38 -12.57
NAS 6DC C . 7.81 -6.76 -10.39
CAW 6DC C . 8.43 -7.01 -9.22
CAU 6DC C . 7.94 -8.11 -8.52
CAG 6DC C . 6.83 -8.86 -9.07
NAC 6DC C . 5.97 -9.46 -9.47
CAJ 6DC C . 9.51 -6.29 -8.70
CAH 6DC C . 10.04 -6.66 -7.47
CAI 6DC C . 9.57 -7.76 -6.75
CAV 6DC C . 8.49 -8.50 -7.29
NAR 6DC C . 7.96 -9.61 -6.73
CAT 6DC C . 7.57 -9.69 -5.44
CAN 6DC C . 7.42 -10.96 -4.85
CAZ 6DC C . 6.99 -11.09 -3.52
CAX 6DC C . 6.82 -12.34 -2.90
OAD 6DC C . 7.05 -13.41 -3.49
NBA 6DC C . 6.42 -12.41 -1.62
CAB 6DC C . 6.24 -13.73 -1.00
CAM 6DC C . 6.16 -11.25 -0.90
NAQ 6DC C . 6.31 -10.00 -1.51
CAY 6DC C . 6.73 -9.92 -2.79
CAL 6DC C . 6.88 -8.67 -3.37
CAK 6DC C . 7.30 -8.55 -4.69
CAA 6DC D . -0.54 10.92 1.92
CAO 6DC D . -1.16 11.92 2.92
CAP 6DC D . -2.20 12.79 2.20
SBB 6DC D . -2.83 14.03 3.39
OAE 6DC D . -3.47 15.18 2.62
OAF 6DC D . -1.64 14.53 4.20
NAS 6DC D . -3.97 13.36 4.35
CAW 6DC D . -5.10 12.87 3.82
CAU 6DC D . -5.86 12.10 4.69
CAG 6DC D . -5.37 11.92 6.04
NAC 6DC D . -4.98 11.79 7.10
CAJ 6DC D . -5.53 13.06 2.50
CAH 6DC D . -6.72 12.46 2.07
CAI 6DC D . -7.48 11.71 2.96
CAV 6DC D . -7.04 11.50 4.26
NAR 6DC D . -7.70 10.81 5.21
CAT 6DC D . -8.19 9.58 5.02
CAN 6DC D . -9.19 9.12 5.88
CAZ 6DC D . -9.72 7.84 5.75
CAX 6DC D . -10.72 7.40 6.61
OAD 6DC D . -11.17 8.12 7.51
NBA 6DC D . -11.23 6.16 6.48
CAB 6DC D . -12.30 5.68 7.39
CAM 6DC D . -10.74 5.30 5.48
NAQ 6DC D . -9.73 5.76 4.62
CAY 6DC D . -9.23 7.00 4.74
CAL 6DC D . -8.23 7.44 3.90
CAK 6DC D . -7.70 8.73 4.03
#